data_3OXL
#
_entry.id   3OXL
#
_cell.length_a   55.002
_cell.length_b   101.020
_cell.length_c   117.290
_cell.angle_alpha   90.000
_cell.angle_beta   90.000
_cell.angle_gamma   90.000
#
_symmetry.space_group_name_H-M   'P 21 21 21'
#
loop_
_entity.id
_entity.type
_entity.pdbx_description
1 polymer 'SET and MYND domain-containing protein 3'
2 non-polymer 'ZINC ION'
3 non-polymer S-ADENOSYL-L-HOMOCYSTEINE
#
_entity_poly.entity_id   1
_entity_poly.type   'polypeptide(L)'
_entity_poly.pdbx_seq_one_letter_code
;MEPLKVEKFATANRGNGLRAVTPLRPGELLFRSDPLAYTVCKGSRGVVCDRCLLGKEKLMRCSQCRVAKYCSAKCQKKAW
PDHKRECKCLKSCKPRYPPDSVRLLGRVVFKLMDGAPSESEKLYSFYDLESNINKLTEDRKEGLRQLVMTFQHFMREEIQ
DASQLPPAFDLFEAFAKVICNSFTICNAEMQEVGVGLYPSISLLNHSCDPNCSIVFNGPHLLLRAVRDIEVGEELTICYL
DMLMTSEERRKQLRDQYCFECDCFRCQTQDKDADMLTGDEQVWKEVQESLKKIEELKAHWKWEQVLAMCQAIISSNSERL
PDINIYQLKVLDCAMDACINLGLLEEALFYGTRTMEPYRIFFPGSHPVRGVQVMKVGKLQLHQGMFPQAMKNLRLAFDIM
RVTHGREHSLIEDLILLLEECDANIRAS
;
_entity_poly.pdbx_strand_id   A
#
loop_
_chem_comp.id
_chem_comp.type
_chem_comp.name
_chem_comp.formula
ZN non-polymer 'ZINC ION' 'Zn 2'
#
# COMPACT_ATOMS: atom_id res chain seq x y z
N MET A 1 -1.29 19.97 21.68
CA MET A 1 -1.19 18.66 20.97
C MET A 1 -0.18 18.74 19.81
N GLU A 2 1.12 18.67 20.14
CA GLU A 2 2.20 18.87 19.16
C GLU A 2 3.51 18.05 19.36
N PRO A 3 3.85 17.64 20.61
CA PRO A 3 5.24 17.26 20.97
C PRO A 3 5.81 16.12 20.12
N LEU A 4 7.10 16.21 19.78
CA LEU A 4 7.73 15.25 18.87
C LEU A 4 8.03 13.93 19.58
N LYS A 5 8.20 12.84 18.82
CA LYS A 5 8.31 11.49 19.41
C LYS A 5 9.33 10.53 18.78
N VAL A 6 9.93 10.92 17.66
CA VAL A 6 10.92 10.07 16.97
C VAL A 6 12.21 10.85 16.76
N GLU A 7 13.16 10.28 16.01
CA GLU A 7 14.36 11.02 15.57
C GLU A 7 15.21 10.13 14.68
N LYS A 8 16.10 10.72 13.90
CA LYS A 8 17.00 9.90 13.09
C LYS A 8 18.31 9.64 13.82
N PHE A 9 19.02 8.60 13.38
CA PHE A 9 20.41 8.36 13.81
C PHE A 9 21.17 7.39 12.91
N ALA A 10 22.42 7.12 13.30
CA ALA A 10 23.30 6.20 12.60
C ALA A 10 23.17 4.77 13.12
N THR A 11 22.84 3.85 12.21
CA THR A 11 22.75 2.43 12.55
C THR A 11 24.17 1.88 12.65
N ALA A 12 24.29 0.67 13.20
CA ALA A 12 25.56 -0.05 13.24
C ALA A 12 26.08 -0.36 11.84
N ASN A 13 25.14 -0.52 10.90
CA ASN A 13 25.48 -0.97 9.55
C ASN A 13 24.46 -0.66 8.47
N ARG A 14 23.17 -0.56 8.82
CA ARG A 14 22.11 -0.48 7.79
C ARG A 14 21.60 0.91 7.36
N GLY A 15 22.38 1.94 7.69
CA GLY A 15 22.10 3.29 7.22
C GLY A 15 21.48 4.21 8.26
N ASN A 16 20.41 4.90 7.85
CA ASN A 16 19.71 5.86 8.70
C ASN A 16 18.39 5.34 9.27
N GLY A 17 18.26 5.40 10.60
CA GLY A 17 17.11 4.82 11.28
C GLY A 17 16.44 5.66 12.36
N LEU A 18 15.11 5.47 12.48
CA LEU A 18 14.30 6.11 13.51
C LEU A 18 14.43 5.45 14.86
N ARG A 19 14.24 6.22 15.92
CA ARG A 19 14.11 5.67 17.28
C ARG A 19 13.12 6.43 18.13
N ALA A 20 12.52 5.75 19.10
CA ALA A 20 11.69 6.40 20.08
C ALA A 20 12.59 7.32 20.89
N VAL A 21 12.01 8.38 21.44
CA VAL A 21 12.74 9.29 22.33
C VAL A 21 12.26 9.14 23.79
N THR A 22 10.97 8.82 23.93
CA THR A 22 10.37 8.37 25.18
C THR A 22 9.62 7.07 24.87
N PRO A 23 9.27 6.28 25.91
CA PRO A 23 8.56 5.03 25.63
C PRO A 23 7.25 5.23 24.88
N LEU A 24 6.92 4.27 24.03
CA LEU A 24 5.67 4.30 23.29
C LEU A 24 4.74 3.19 23.75
N ARG A 25 3.44 3.48 23.73
CA ARG A 25 2.40 2.47 23.94
C ARG A 25 1.82 2.07 22.57
N PRO A 26 1.19 0.89 22.50
CA PRO A 26 0.59 0.47 21.24
C PRO A 26 -0.60 1.35 20.88
N GLY A 27 -0.83 1.55 19.59
CA GLY A 27 -1.93 2.38 19.14
C GLY A 27 -1.61 3.86 19.13
N GLU A 28 -0.44 4.24 19.64
CA GLU A 28 -0.04 5.64 19.66
C GLU A 28 0.45 6.10 18.29
N LEU A 29 0.04 7.30 17.91
CA LEU A 29 0.50 7.93 16.66
C LEU A 29 1.84 8.63 16.91
N LEU A 30 2.76 8.45 15.97
CA LEU A 30 4.14 8.92 16.16
C LEU A 30 4.50 10.01 15.17
N PHE A 31 4.10 9.81 13.91
CA PHE A 31 4.32 10.77 12.84
C PHE A 31 3.12 10.80 11.93
N ARG A 32 3.01 11.87 11.15
CA ARG A 32 1.90 12.09 10.25
C ARG A 32 2.40 12.97 9.13
N SER A 33 2.12 12.60 7.89
CA SER A 33 2.62 13.36 6.75
C SER A 33 1.77 13.25 5.50
N ASP A 34 1.63 14.36 4.79
CA ASP A 34 1.13 14.34 3.43
C ASP A 34 2.28 13.91 2.52
N PRO A 35 1.98 13.47 1.28
CA PRO A 35 3.05 13.13 0.35
C PRO A 35 3.82 14.36 -0.14
N LEU A 36 5.12 14.17 -0.39
CA LEU A 36 5.87 15.16 -1.15
C LEU A 36 5.33 15.14 -2.58
N ALA A 37 5.11 13.94 -3.11
CA ALA A 37 4.42 13.76 -4.39
C ALA A 37 3.70 12.43 -4.38
N TYR A 38 2.58 12.36 -5.10
CA TYR A 38 1.76 11.16 -5.17
C TYR A 38 0.94 11.15 -6.47
N THR A 39 0.56 9.94 -6.91
CA THR A 39 -0.21 9.78 -8.14
C THR A 39 -1.02 8.49 -8.17
N VAL A 40 -2.29 8.62 -8.58
CA VAL A 40 -3.16 7.47 -8.84
C VAL A 40 -2.56 6.52 -9.88
N CYS A 41 -2.16 5.33 -9.43
CA CYS A 41 -1.42 4.40 -10.27
C CYS A 41 -2.24 3.84 -11.43
N LYS A 42 -1.53 3.54 -12.51
CA LYS A 42 -2.10 3.19 -13.82
C LYS A 42 -3.42 2.42 -13.83
N GLY A 43 -3.57 1.46 -12.92
CA GLY A 43 -4.77 0.65 -12.83
C GLY A 43 -5.93 1.47 -12.32
N SER A 44 -5.76 2.03 -11.13
CA SER A 44 -6.78 2.85 -10.48
C SER A 44 -7.17 4.11 -11.28
N ARG A 45 -6.30 4.50 -12.23
CA ARG A 45 -6.50 5.68 -13.08
C ARG A 45 -7.77 5.57 -13.92
N GLY A 46 -8.58 6.63 -13.88
CA GLY A 46 -9.88 6.66 -14.57
C GLY A 46 -11.01 6.08 -13.73
N VAL A 47 -10.65 5.44 -12.62
CA VAL A 47 -11.59 4.78 -11.70
C VAL A 47 -11.73 5.57 -10.40
N VAL A 48 -10.61 5.99 -9.82
CA VAL A 48 -10.63 6.79 -8.59
C VAL A 48 -10.37 8.27 -8.86
N CYS A 49 -10.30 9.05 -7.78
CA CYS A 49 -10.11 10.49 -7.85
C CYS A 49 -8.64 10.82 -8.03
N ASP A 50 -8.35 11.91 -8.75
CA ASP A 50 -6.96 12.25 -9.01
C ASP A 50 -6.31 13.04 -7.88
N ARG A 51 -7.11 13.48 -6.92
CA ARG A 51 -6.55 14.12 -5.73
C ARG A 51 -6.76 13.27 -4.48
N CYS A 52 -7.98 13.26 -3.96
CA CYS A 52 -8.34 12.56 -2.73
C CYS A 52 -8.27 11.03 -2.86
N LEU A 53 -8.13 10.57 -4.10
CA LEU A 53 -7.96 9.16 -4.43
C LEU A 53 -9.18 8.28 -4.08
N LEU A 54 -10.36 8.88 -4.10
CA LEU A 54 -11.58 8.17 -3.69
C LEU A 54 -12.47 7.73 -4.85
N GLY A 55 -13.11 6.56 -4.68
CA GLY A 55 -13.96 5.94 -5.70
C GLY A 55 -15.39 6.44 -5.68
N LYS A 56 -15.70 7.32 -6.63
CA LYS A 56 -17.03 7.91 -6.81
C LYS A 56 -17.50 7.47 -8.18
N GLU A 57 -18.48 6.55 -8.24
CA GLU A 57 -18.91 5.89 -9.50
C GLU A 57 -18.70 6.69 -10.81
N LYS A 58 -19.09 7.96 -10.81
CA LYS A 58 -18.86 8.88 -11.94
C LYS A 58 -17.71 9.85 -11.67
N LEU A 59 -16.94 10.19 -12.71
CA LEU A 59 -15.82 11.13 -12.56
C LEU A 59 -15.73 12.11 -13.72
N MET A 60 -15.39 13.35 -13.39
CA MET A 60 -15.19 14.38 -14.40
C MET A 60 -13.75 14.38 -14.91
N ARG A 61 -13.61 14.29 -16.23
CA ARG A 61 -12.29 14.13 -16.85
C ARG A 61 -11.60 15.45 -17.19
N CYS A 62 -10.31 15.34 -17.50
CA CYS A 62 -9.41 16.48 -17.64
C CYS A 62 -9.74 17.45 -18.77
N SER A 63 -9.74 18.73 -18.42
CA SER A 63 -10.03 19.82 -19.34
C SER A 63 -9.27 19.64 -20.66
N GLN A 64 -7.95 19.59 -20.58
CA GLN A 64 -7.10 19.68 -21.76
C GLN A 64 -6.29 18.42 -22.04
N CYS A 65 -6.30 17.49 -21.10
CA CYS A 65 -5.54 16.25 -21.29
C CYS A 65 -6.45 15.04 -21.41
N ARG A 66 -7.68 15.19 -20.91
CA ARG A 66 -8.71 14.15 -20.93
C ARG A 66 -8.25 12.78 -20.40
N VAL A 67 -7.24 12.78 -19.54
CA VAL A 67 -6.82 11.57 -18.81
C VAL A 67 -7.24 11.65 -17.34
N ALA A 68 -6.74 12.66 -16.61
CA ALA A 68 -6.97 12.82 -15.17
C ALA A 68 -8.43 13.12 -14.83
N LYS A 69 -9.02 12.27 -13.99
CA LYS A 69 -10.44 12.36 -13.62
C LYS A 69 -10.63 12.75 -12.15
N TYR A 70 -11.58 13.65 -11.90
CA TYR A 70 -11.74 14.27 -10.57
C TYR A 70 -13.03 13.97 -9.78
N CYS A 71 -12.88 14.09 -8.45
CA CYS A 71 -13.92 13.92 -7.44
C CYS A 71 -14.97 15.03 -7.48
N SER A 72 -14.50 16.26 -7.63
CA SER A 72 -15.33 17.44 -7.68
C SER A 72 -14.51 18.57 -8.28
N ALA A 73 -15.12 19.74 -8.34
CA ALA A 73 -14.44 20.93 -8.84
C ALA A 73 -13.42 21.44 -7.82
N LYS A 74 -13.72 21.26 -6.54
CA LYS A 74 -12.80 21.65 -5.46
C LYS A 74 -11.55 20.77 -5.44
N CYS A 75 -11.76 19.46 -5.59
CA CYS A 75 -10.67 18.47 -5.72
C CYS A 75 -9.84 18.80 -6.96
N GLN A 76 -10.53 19.21 -8.02
CA GLN A 76 -9.94 19.58 -9.30
C GLN A 76 -9.08 20.85 -9.20
N LYS A 77 -9.44 21.73 -8.27
CA LYS A 77 -8.72 23.00 -8.10
C LYS A 77 -7.41 22.80 -7.36
N LYS A 78 -7.46 22.47 -6.07
CA LYS A 78 -6.24 22.28 -5.26
C LYS A 78 -5.30 21.24 -5.87
N ALA A 79 -5.73 20.65 -6.99
CA ALA A 79 -4.92 19.72 -7.76
C ALA A 79 -4.07 20.42 -8.82
N TRP A 80 -4.30 21.72 -9.00
CA TRP A 80 -3.62 22.47 -10.06
C TRP A 80 -2.09 22.54 -9.91
N PRO A 81 -1.58 23.07 -8.77
CA PRO A 81 -0.13 23.07 -8.51
C PRO A 81 0.61 21.84 -9.04
N ASP A 82 -0.06 20.69 -8.99
CA ASP A 82 0.50 19.42 -9.45
C ASP A 82 0.08 19.10 -10.88
N HIS A 83 -1.21 19.23 -11.17
CA HIS A 83 -1.65 18.88 -12.50
C HIS A 83 -1.31 19.91 -13.58
N LYS A 84 -1.15 21.17 -13.16
CA LYS A 84 -0.81 22.27 -14.06
C LYS A 84 0.14 21.84 -15.18
N ARG A 85 1.25 21.24 -14.77
CA ARG A 85 2.36 20.92 -15.66
C ARG A 85 2.14 19.65 -16.48
N GLU A 86 1.72 18.58 -15.80
CA GLU A 86 1.69 17.25 -16.39
C GLU A 86 0.58 17.05 -17.42
N CYS A 87 -0.44 17.90 -17.36
CA CYS A 87 -1.57 17.88 -18.29
C CYS A 87 -1.08 17.78 -19.73
N LYS A 88 -0.23 18.74 -20.11
CA LYS A 88 0.39 18.86 -21.42
C LYS A 88 1.06 17.57 -21.90
N CYS A 89 1.90 16.97 -21.04
CA CYS A 89 2.67 15.77 -21.38
C CYS A 89 1.75 14.60 -21.74
N LEU A 90 0.92 14.20 -20.78
CA LEU A 90 -0.03 13.08 -20.92
C LEU A 90 -0.92 13.24 -22.13
N LYS A 91 -1.35 14.49 -22.33
CA LYS A 91 -2.20 14.91 -23.43
C LYS A 91 -1.79 14.23 -24.74
N SER A 92 -0.57 14.51 -25.21
CA SER A 92 -0.10 13.98 -26.51
C SER A 92 0.69 12.66 -26.46
N CYS A 93 0.61 11.95 -25.33
CA CYS A 93 1.11 10.58 -25.21
C CYS A 93 0.02 9.63 -25.69
N LYS A 94 -1.22 10.09 -25.51
CA LYS A 94 -2.44 9.32 -25.74
C LYS A 94 -2.33 8.27 -26.85
N PRO A 95 -2.68 7.00 -26.54
CA PRO A 95 -3.09 6.52 -25.19
C PRO A 95 -1.93 6.13 -24.25
N ARG A 96 -0.78 5.75 -24.80
CA ARG A 96 0.35 5.28 -24.00
C ARG A 96 0.51 6.14 -22.75
N TYR A 97 0.39 5.51 -21.59
CA TYR A 97 0.52 6.19 -20.30
C TYR A 97 1.86 5.83 -19.64
N PRO A 98 2.54 6.84 -19.07
CA PRO A 98 3.86 6.73 -18.42
C PRO A 98 3.86 5.84 -17.18
N PRO A 99 4.82 4.89 -17.10
CA PRO A 99 4.78 3.95 -15.99
C PRO A 99 4.88 4.73 -14.67
N ASP A 100 3.90 4.53 -13.79
CA ASP A 100 3.75 5.28 -12.52
C ASP A 100 4.99 6.04 -12.07
N SER A 101 6.06 5.28 -11.83
CA SER A 101 7.35 5.78 -11.32
C SER A 101 7.84 7.05 -12.02
N VAL A 102 7.49 7.19 -13.29
CA VAL A 102 7.86 8.35 -14.10
C VAL A 102 6.92 9.52 -13.81
N ARG A 103 5.62 9.30 -14.03
CA ARG A 103 4.60 10.32 -13.83
C ARG A 103 4.68 10.87 -12.41
N LEU A 104 5.12 10.02 -11.48
CA LEU A 104 5.42 10.45 -10.15
C LEU A 104 6.64 11.37 -10.16
N LEU A 105 7.76 10.85 -10.65
CA LEU A 105 9.01 11.60 -10.63
C LEU A 105 8.90 12.91 -11.41
N GLY A 106 7.99 12.96 -12.37
CA GLY A 106 7.67 14.21 -13.04
C GLY A 106 7.08 15.23 -12.07
N ARG A 107 6.12 14.77 -11.27
CA ARG A 107 5.44 15.61 -10.27
C ARG A 107 6.39 16.03 -9.15
N VAL A 108 7.28 15.13 -8.76
CA VAL A 108 8.22 15.40 -7.68
C VAL A 108 9.12 16.58 -8.03
N VAL A 109 9.78 16.52 -9.18
CA VAL A 109 10.81 17.48 -9.58
C VAL A 109 10.42 18.97 -9.42
N PHE A 110 9.13 19.29 -9.37
CA PHE A 110 8.67 20.67 -9.20
C PHE A 110 8.35 20.97 -7.75
N LYS A 111 7.97 19.93 -7.02
CA LYS A 111 7.72 20.04 -5.60
C LYS A 111 9.04 20.07 -4.80
N LEU A 112 10.16 20.20 -5.53
CA LEU A 112 11.47 20.40 -4.93
C LEU A 112 11.73 21.88 -4.88
N MET A 113 11.14 22.59 -5.84
CA MET A 113 11.31 24.04 -5.97
C MET A 113 10.36 24.80 -5.05
N ASP A 114 9.31 24.14 -4.57
CA ASP A 114 8.19 24.76 -3.83
C ASP A 114 8.56 25.84 -2.80
N GLY A 115 9.85 25.99 -2.52
CA GLY A 115 10.36 27.11 -1.70
C GLY A 115 10.16 26.93 -0.22
N ALA A 116 8.97 27.31 0.26
CA ALA A 116 8.54 27.05 1.64
C ALA A 116 8.57 25.56 1.87
N PRO A 117 9.19 25.09 2.98
CA PRO A 117 9.42 23.65 3.17
C PRO A 117 8.13 22.80 3.21
N SER A 118 8.30 21.48 3.14
CA SER A 118 7.20 20.54 3.34
C SER A 118 7.37 19.81 4.67
N GLU A 119 6.25 19.33 5.22
CA GLU A 119 6.30 18.49 6.41
C GLU A 119 6.85 17.11 6.10
N SER A 120 6.60 16.65 4.88
CA SER A 120 7.07 15.35 4.41
C SER A 120 8.59 15.18 4.53
N GLU A 121 9.30 16.32 4.45
CA GLU A 121 10.75 16.34 4.48
C GLU A 121 11.31 16.90 5.79
N LYS A 122 10.51 16.84 6.85
CA LYS A 122 10.87 17.44 8.13
C LYS A 122 12.12 16.79 8.75
N LEU A 123 12.16 15.46 8.79
CA LEU A 123 13.27 14.71 9.40
C LEU A 123 14.29 14.19 8.39
N TYR A 124 13.82 14.03 7.15
CA TYR A 124 14.60 13.46 6.06
C TYR A 124 14.07 14.05 4.77
N SER A 125 14.91 14.82 4.07
CA SER A 125 14.52 15.40 2.79
C SER A 125 14.63 14.38 1.66
N PHE A 126 14.37 14.82 0.43
CA PHE A 126 14.50 13.96 -0.74
C PHE A 126 15.96 13.59 -1.03
N TYR A 127 16.85 14.57 -0.93
CA TYR A 127 18.26 14.41 -1.33
C TYR A 127 19.05 13.55 -0.36
N ASP A 128 18.44 13.24 0.78
CA ASP A 128 19.05 12.34 1.75
C ASP A 128 18.69 10.89 1.44
N LEU A 129 17.60 10.70 0.68
CA LEU A 129 17.01 9.38 0.44
C LEU A 129 17.94 8.40 -0.27
N GLU A 130 18.40 7.40 0.49
CA GLU A 130 19.32 6.35 0.00
C GLU A 130 18.82 5.68 -1.30
N SER A 131 19.74 5.60 -2.26
CA SER A 131 19.46 5.15 -3.61
C SER A 131 20.18 3.85 -3.98
N ASN A 132 21.26 3.54 -3.28
CA ASN A 132 22.01 2.29 -3.46
C ASN A 132 22.77 2.19 -4.78
N ILE A 133 23.39 3.29 -5.20
CA ILE A 133 24.13 3.33 -6.47
C ILE A 133 25.08 2.14 -6.61
N ASN A 134 26.04 2.06 -5.69
CA ASN A 134 27.00 0.96 -5.63
C ASN A 134 26.28 -0.36 -5.46
N LYS A 135 26.88 -1.43 -5.96
CA LYS A 135 26.33 -2.76 -5.76
C LYS A 135 24.84 -2.79 -6.13
N LEU A 136 24.55 -2.24 -7.30
CA LEU A 136 23.26 -2.40 -7.97
C LEU A 136 23.50 -3.14 -9.27
N THR A 137 22.91 -4.33 -9.37
CA THR A 137 23.07 -5.22 -10.52
C THR A 137 22.90 -4.50 -11.87
N GLU A 138 23.55 -5.03 -12.91
CA GLU A 138 23.23 -4.63 -14.26
C GLU A 138 21.79 -5.07 -14.50
N ASP A 139 21.30 -4.97 -15.74
CA ASP A 139 19.88 -5.24 -16.10
C ASP A 139 18.88 -4.45 -15.19
N ARG A 140 19.52 -3.76 -14.20
CA ARG A 140 18.78 -2.91 -13.27
C ARG A 140 19.19 -1.49 -13.57
N LYS A 141 20.50 -1.26 -13.62
CA LYS A 141 21.05 -0.04 -14.20
C LYS A 141 20.55 0.08 -15.64
N GLU A 142 20.64 -1.01 -16.39
CA GLU A 142 20.07 -1.05 -17.74
C GLU A 142 18.55 -0.89 -17.71
N GLY A 143 17.95 -1.28 -16.59
CA GLY A 143 16.52 -1.05 -16.37
C GLY A 143 16.19 0.43 -16.13
N LEU A 144 16.95 1.05 -15.23
CA LEU A 144 16.76 2.44 -14.86
C LEU A 144 17.12 3.38 -16.01
N ARG A 145 18.17 3.03 -16.74
CA ARG A 145 18.57 3.77 -17.94
C ARG A 145 17.39 3.93 -18.91
N GLN A 146 16.67 2.84 -19.13
CA GLN A 146 15.45 2.83 -19.93
C GLN A 146 14.50 3.92 -19.46
N LEU A 147 14.07 3.83 -18.21
CA LEU A 147 13.14 4.79 -17.62
C LEU A 147 13.55 6.23 -17.88
N VAL A 148 14.86 6.50 -17.82
CA VAL A 148 15.35 7.84 -18.07
C VAL A 148 14.99 8.26 -19.50
N MET A 149 15.36 7.43 -20.47
CA MET A 149 15.03 7.69 -21.89
C MET A 149 13.53 7.77 -22.14
N THR A 150 12.76 7.15 -21.23
CA THR A 150 11.30 7.21 -21.23
C THR A 150 10.81 8.51 -20.58
N PHE A 151 11.44 8.88 -19.45
CA PHE A 151 11.13 10.12 -18.73
C PHE A 151 11.32 11.32 -19.63
N GLN A 152 12.55 11.50 -20.12
CA GLN A 152 12.89 12.62 -20.99
C GLN A 152 11.90 12.67 -22.13
N HIS A 153 11.65 11.51 -22.71
CA HIS A 153 10.69 11.42 -23.77
C HIS A 153 9.35 11.97 -23.28
N PHE A 154 8.80 11.35 -22.23
CA PHE A 154 7.46 11.71 -21.74
C PHE A 154 7.34 13.20 -21.40
N MET A 155 8.40 13.74 -20.81
CA MET A 155 8.40 15.11 -20.34
C MET A 155 8.55 16.15 -21.46
N ARG A 156 9.49 15.92 -22.39
CA ARG A 156 9.75 16.86 -23.49
C ARG A 156 9.17 18.24 -23.22
N GLU A 157 7.86 18.36 -23.43
CA GLU A 157 7.08 19.60 -23.27
C GLU A 157 7.60 20.62 -22.27
N GLU A 158 7.84 20.16 -21.05
CA GLU A 158 8.19 21.08 -19.99
C GLU A 158 9.68 20.99 -19.63
N ILE A 159 10.36 19.97 -20.12
CA ILE A 159 11.77 19.73 -19.80
C ILE A 159 12.58 19.21 -20.99
N GLN A 160 13.46 20.08 -21.52
CA GLN A 160 14.27 19.78 -22.71
C GLN A 160 15.75 19.42 -22.40
N ASP A 161 16.22 19.86 -21.24
CA ASP A 161 17.55 19.49 -20.73
C ASP A 161 17.68 19.72 -19.21
N ALA A 162 18.73 19.15 -18.62
CA ALA A 162 18.98 19.19 -17.17
C ALA A 162 19.18 20.58 -16.58
N SER A 163 19.25 21.59 -17.43
CA SER A 163 19.46 22.95 -17.00
C SER A 163 18.15 23.57 -16.50
N GLN A 164 17.03 22.97 -16.89
CA GLN A 164 15.70 23.38 -16.39
C GLN A 164 15.39 22.82 -15.00
N LEU A 165 16.25 21.94 -14.51
CA LEU A 165 16.09 21.32 -13.20
C LEU A 165 17.22 21.78 -12.29
N PRO A 166 17.01 21.70 -10.96
CA PRO A 166 18.06 22.14 -10.07
C PRO A 166 19.29 21.25 -10.22
N PRO A 167 20.47 21.82 -9.94
CA PRO A 167 21.73 21.06 -9.88
C PRO A 167 21.76 20.08 -8.70
N ALA A 168 22.75 19.19 -8.69
CA ALA A 168 22.81 18.11 -7.70
C ALA A 168 21.62 17.14 -7.83
N PHE A 169 20.52 17.62 -8.43
CA PHE A 169 19.47 16.73 -8.87
C PHE A 169 19.91 16.04 -10.15
N ASP A 170 19.80 14.71 -10.14
CA ASP A 170 20.23 13.86 -11.24
C ASP A 170 19.16 12.79 -11.46
N LEU A 171 18.70 12.66 -12.70
CA LEU A 171 17.57 11.78 -13.03
C LEU A 171 17.76 10.30 -12.74
N PHE A 172 18.79 9.71 -13.32
CA PHE A 172 19.11 8.32 -13.09
C PHE A 172 19.24 8.03 -11.60
N GLU A 173 19.92 8.92 -10.88
CA GLU A 173 20.04 8.76 -9.45
C GLU A 173 18.68 8.89 -8.77
N ALA A 174 17.80 9.70 -9.35
CA ALA A 174 16.46 9.92 -8.78
C ALA A 174 15.52 8.71 -8.89
N PHE A 175 15.57 7.97 -9.99
CA PHE A 175 14.80 6.74 -10.09
C PHE A 175 15.29 5.71 -9.08
N ALA A 176 16.60 5.69 -8.85
CA ALA A 176 17.23 4.81 -7.87
C ALA A 176 16.74 5.08 -6.45
N LYS A 177 16.33 6.32 -6.19
CA LYS A 177 15.67 6.67 -4.95
C LYS A 177 14.24 6.11 -4.96
N VAL A 178 13.57 6.26 -6.10
CA VAL A 178 12.13 5.98 -6.21
C VAL A 178 11.82 4.50 -6.44
N ILE A 179 12.77 3.76 -6.98
CA ILE A 179 12.68 2.31 -6.97
C ILE A 179 12.56 1.82 -5.54
N CYS A 180 13.36 2.41 -4.64
CA CYS A 180 13.45 1.86 -3.30
C CYS A 180 12.98 2.79 -2.16
N ASN A 181 12.23 3.83 -2.48
CA ASN A 181 11.66 4.66 -1.44
C ASN A 181 10.20 5.07 -1.69
N SER A 182 9.57 4.36 -2.62
CA SER A 182 8.17 4.59 -2.97
C SER A 182 7.26 4.03 -1.90
N PHE A 183 5.98 4.37 -1.98
CA PHE A 183 4.99 3.91 -1.01
C PHE A 183 3.70 3.59 -1.71
N THR A 184 3.20 2.37 -1.52
CA THR A 184 1.93 1.98 -2.11
C THR A 184 0.77 2.57 -1.34
N ILE A 185 0.01 3.41 -2.03
CA ILE A 185 -1.17 4.04 -1.45
C ILE A 185 -2.37 3.08 -1.45
N CYS A 186 -2.80 2.71 -0.24
CA CYS A 186 -3.92 1.82 -0.06
C CYS A 186 -5.13 2.59 0.41
N ASN A 187 -6.28 2.36 -0.21
CA ASN A 187 -7.51 3.06 0.13
C ASN A 187 -8.18 2.52 1.39
N ALA A 188 -9.49 2.72 1.49
CA ALA A 188 -10.29 2.19 2.59
C ALA A 188 -10.23 0.68 2.60
N GLU A 189 -10.84 0.08 1.57
CA GLU A 189 -10.99 -1.37 1.46
C GLU A 189 -9.67 -2.11 1.23
N MET A 190 -8.57 -1.56 1.75
CA MET A 190 -7.22 -2.11 1.57
C MET A 190 -6.90 -2.50 0.12
N GLN A 191 -7.20 -1.56 -0.76
CA GLN A 191 -6.90 -1.69 -2.17
C GLN A 191 -5.76 -0.72 -2.48
N GLU A 192 -4.83 -1.16 -3.34
CA GLU A 192 -3.75 -0.31 -3.80
C GLU A 192 -4.25 0.61 -4.92
N VAL A 193 -4.11 1.92 -4.70
CA VAL A 193 -4.64 2.88 -5.66
C VAL A 193 -3.66 3.97 -6.07
N GLY A 194 -2.45 3.96 -5.51
CA GLY A 194 -1.48 4.97 -5.89
C GLY A 194 -0.09 4.70 -5.37
N VAL A 195 0.83 5.58 -5.76
CA VAL A 195 2.20 5.54 -5.30
C VAL A 195 2.58 6.92 -4.77
N GLY A 196 3.23 6.96 -3.60
CA GLY A 196 3.63 8.22 -2.96
C GLY A 196 5.11 8.23 -2.65
N LEU A 197 5.61 9.39 -2.21
CA LEU A 197 6.98 9.54 -1.71
C LEU A 197 7.03 10.32 -0.40
N TYR A 198 7.18 9.63 0.73
CA TYR A 198 7.10 10.28 2.02
C TYR A 198 8.47 10.30 2.73
N PRO A 199 9.33 11.27 2.36
CA PRO A 199 10.75 11.22 2.69
C PRO A 199 11.10 11.27 4.16
N SER A 200 10.12 11.48 5.04
CA SER A 200 10.39 11.29 6.47
C SER A 200 10.06 9.88 6.94
N ILE A 201 9.05 9.28 6.31
CA ILE A 201 8.66 7.90 6.58
C ILE A 201 9.79 6.96 6.15
N SER A 202 10.38 7.23 4.98
CA SER A 202 11.49 6.44 4.45
C SER A 202 12.73 6.31 5.37
N LEU A 203 12.63 6.88 6.56
CA LEU A 203 13.68 6.73 7.56
C LEU A 203 13.50 5.42 8.34
N LEU A 204 12.50 4.64 7.92
CA LEU A 204 12.09 3.42 8.62
C LEU A 204 12.67 2.16 8.01
N ASN A 205 13.47 1.44 8.79
CA ASN A 205 14.04 0.19 8.34
C ASN A 205 13.06 -0.99 8.40
N HIS A 206 13.47 -2.11 7.80
CA HIS A 206 12.60 -3.28 7.62
C HIS A 206 12.77 -4.42 8.61
N SER A 207 11.65 -4.78 9.23
CA SER A 207 11.47 -6.08 9.86
C SER A 207 10.22 -6.74 9.23
N CYS A 208 10.26 -8.05 8.99
CA CYS A 208 9.05 -8.76 8.53
C CYS A 208 8.12 -8.97 9.73
N ASP A 209 8.68 -8.81 10.94
CA ASP A 209 7.90 -8.68 12.18
C ASP A 209 8.03 -7.25 12.75
N PRO A 210 7.31 -6.28 12.14
CA PRO A 210 7.49 -4.89 12.50
C PRO A 210 6.88 -4.53 13.85
N ASN A 211 7.15 -3.31 14.30
CA ASN A 211 6.46 -2.78 15.48
C ASN A 211 5.64 -1.53 15.14
N CYS A 212 5.72 -1.10 13.88
CA CYS A 212 4.93 0.03 13.39
C CYS A 212 4.21 -0.29 12.10
N SER A 213 2.96 0.13 11.99
CA SER A 213 2.27 -0.02 10.72
C SER A 213 1.61 1.26 10.27
N ILE A 214 1.53 1.43 8.96
CA ILE A 214 1.11 2.68 8.36
C ILE A 214 -0.18 2.49 7.57
N VAL A 215 -1.08 3.45 7.68
CA VAL A 215 -2.37 3.38 7.02
C VAL A 215 -2.73 4.66 6.29
N PHE A 216 -3.47 4.50 5.20
CA PHE A 216 -3.74 5.59 4.28
C PHE A 216 -5.22 6.00 4.29
N ASN A 217 -5.48 7.10 4.99
CA ASN A 217 -6.74 7.79 4.92
C ASN A 217 -6.63 8.75 3.73
N GLY A 218 -6.86 8.22 2.53
CA GLY A 218 -6.53 8.93 1.28
C GLY A 218 -5.01 8.98 1.08
N PRO A 219 -4.51 10.06 0.44
CA PRO A 219 -3.07 10.21 0.24
C PRO A 219 -2.31 10.57 1.53
N HIS A 220 -3.06 10.92 2.58
CA HIS A 220 -2.51 11.24 3.89
C HIS A 220 -2.05 9.96 4.56
N LEU A 221 -0.95 10.04 5.30
CA LEU A 221 -0.29 8.84 5.80
C LEU A 221 0.00 8.90 7.30
N LEU A 222 -0.41 7.85 8.01
CA LEU A 222 -0.21 7.76 9.46
C LEU A 222 0.75 6.66 9.85
N LEU A 223 1.66 6.95 10.76
CA LEU A 223 2.56 5.95 11.29
C LEU A 223 2.23 5.77 12.76
N ARG A 224 1.86 4.56 13.13
CA ARG A 224 1.54 4.26 14.52
C ARG A 224 2.38 3.10 15.03
N ALA A 225 2.53 3.01 16.35
CA ALA A 225 3.16 1.86 16.96
C ALA A 225 2.13 0.77 17.25
N VAL A 226 2.46 -0.47 16.92
CA VAL A 226 1.54 -1.58 17.16
C VAL A 226 1.82 -2.33 18.46
N ARG A 227 2.88 -1.92 19.17
CA ARG A 227 3.25 -2.55 20.44
C ARG A 227 3.99 -1.58 21.35
N ASP A 228 4.38 -2.08 22.53
CA ASP A 228 5.18 -1.32 23.49
C ASP A 228 6.61 -1.20 23.00
N ILE A 229 7.05 0.04 22.86
CA ILE A 229 8.35 0.33 22.30
C ILE A 229 9.09 1.24 23.29
N GLU A 230 10.25 0.76 23.74
CA GLU A 230 11.03 1.40 24.79
C GLU A 230 11.98 2.44 24.19
N VAL A 231 12.45 3.37 25.02
CA VAL A 231 13.42 4.41 24.59
C VAL A 231 14.57 3.81 23.79
N GLY A 232 15.09 4.59 22.85
CA GLY A 232 16.24 4.16 22.08
C GLY A 232 16.05 2.97 21.14
N GLU A 233 14.83 2.44 21.05
CA GLU A 233 14.54 1.29 20.18
C GLU A 233 14.26 1.71 18.74
N GLU A 234 14.96 1.09 17.79
CA GLU A 234 14.79 1.43 16.38
C GLU A 234 13.43 1.01 15.84
N LEU A 235 12.68 1.97 15.32
CA LEU A 235 11.34 1.72 14.82
C LEU A 235 11.42 1.18 13.40
N THR A 236 10.62 0.15 13.12
CA THR A 236 10.65 -0.53 11.82
C THR A 236 9.26 -0.89 11.33
N ILE A 237 9.14 -1.05 10.01
CA ILE A 237 7.91 -1.51 9.37
C ILE A 237 8.22 -2.60 8.33
N CYS A 238 7.22 -3.36 7.96
CA CYS A 238 7.37 -4.32 6.86
C CYS A 238 6.98 -3.69 5.53
N TYR A 239 7.96 -3.56 4.63
CA TYR A 239 7.75 -2.94 3.32
C TYR A 239 6.94 -3.85 2.39
N LEU A 240 6.81 -5.12 2.76
CA LEU A 240 6.21 -6.13 1.89
C LEU A 240 4.77 -6.50 2.33
N ASP A 241 4.07 -7.27 1.50
CA ASP A 241 2.81 -7.89 1.93
C ASP A 241 3.14 -9.11 2.81
N MET A 242 2.25 -9.42 3.74
CA MET A 242 2.50 -10.48 4.74
C MET A 242 2.36 -11.92 4.22
N LEU A 243 1.77 -12.06 3.04
CA LEU A 243 1.60 -13.38 2.44
C LEU A 243 2.75 -13.70 1.48
N MET A 244 3.91 -13.96 2.08
CA MET A 244 5.12 -14.37 1.37
C MET A 244 5.98 -15.23 2.31
N THR A 245 6.63 -16.27 1.78
CA THR A 245 7.62 -17.04 2.53
C THR A 245 8.93 -16.28 2.62
N SER A 246 9.77 -16.65 3.58
CA SER A 246 11.11 -16.07 3.69
C SER A 246 11.85 -16.12 2.35
N GLU A 247 11.63 -17.21 1.60
CA GLU A 247 12.27 -17.42 0.30
C GLU A 247 11.76 -16.45 -0.77
N GLU A 248 10.45 -16.18 -0.76
CA GLU A 248 9.84 -15.16 -1.63
C GLU A 248 10.24 -13.75 -1.19
N ARG A 249 10.35 -13.56 0.13
CA ARG A 249 10.70 -12.27 0.74
C ARG A 249 12.16 -11.95 0.51
N ARG A 250 13.01 -12.98 0.53
CA ARG A 250 14.44 -12.83 0.27
C ARG A 250 14.67 -12.34 -1.15
N LYS A 251 14.08 -13.04 -2.11
CA LYS A 251 14.19 -12.69 -3.53
C LYS A 251 13.76 -11.25 -3.82
N GLN A 252 12.62 -10.82 -3.29
CA GLN A 252 12.14 -9.46 -3.55
C GLN A 252 12.95 -8.36 -2.86
N LEU A 253 13.49 -8.64 -1.67
CA LEU A 253 14.27 -7.64 -0.95
C LEU A 253 15.68 -7.43 -1.51
N ARG A 254 16.18 -8.42 -2.26
CA ARG A 254 17.45 -8.27 -3.00
C ARG A 254 17.18 -7.45 -4.24
N ASP A 255 16.06 -7.74 -4.88
CA ASP A 255 15.66 -7.16 -6.16
C ASP A 255 15.19 -5.71 -6.08
N GLN A 256 15.09 -5.18 -4.87
CA GLN A 256 14.57 -3.84 -4.71
C GLN A 256 15.39 -3.03 -3.73
N TYR A 257 15.63 -3.59 -2.56
CA TYR A 257 16.26 -2.80 -1.52
C TYR A 257 17.73 -3.18 -1.22
N CYS A 258 18.21 -4.25 -1.88
CA CYS A 258 19.58 -4.75 -1.72
C CYS A 258 19.96 -5.09 -0.27
N PHE A 259 19.43 -6.19 0.27
CA PHE A 259 19.88 -6.66 1.59
C PHE A 259 19.34 -8.03 2.01
N GLU A 260 19.79 -8.46 3.19
CA GLU A 260 19.28 -9.65 3.89
C GLU A 260 18.52 -9.23 5.15
N CYS A 261 17.25 -9.61 5.22
CA CYS A 261 16.42 -9.41 6.39
C CYS A 261 16.95 -10.33 7.46
N ASP A 262 17.56 -9.76 8.49
CA ASP A 262 18.12 -10.57 9.56
C ASP A 262 17.20 -10.56 10.77
N CYS A 263 15.90 -10.46 10.52
CA CYS A 263 14.90 -10.58 11.58
C CYS A 263 14.93 -11.98 12.16
N PHE A 264 14.61 -12.08 13.44
CA PHE A 264 14.41 -13.36 14.10
C PHE A 264 13.64 -14.31 13.17
N ARG A 265 12.64 -13.77 12.49
CA ARG A 265 11.77 -14.54 11.59
C ARG A 265 12.37 -15.06 10.27
N CYS A 266 13.07 -14.21 9.52
CA CYS A 266 13.60 -14.61 8.21
C CYS A 266 14.72 -15.65 8.33
N GLN A 267 15.20 -15.86 9.56
CA GLN A 267 16.25 -16.86 9.81
C GLN A 267 15.69 -18.21 10.28
N THR A 268 14.59 -18.17 11.02
CA THR A 268 13.96 -19.40 11.51
C THR A 268 12.88 -19.89 10.57
N GLN A 269 12.62 -19.13 9.51
CA GLN A 269 11.52 -19.41 8.58
C GLN A 269 10.20 -19.56 9.32
N ASP A 270 9.72 -18.48 9.92
CA ASP A 270 8.44 -18.51 10.61
C ASP A 270 7.31 -18.71 9.60
N LYS A 271 6.30 -19.48 10.01
CA LYS A 271 5.10 -19.74 9.22
C LYS A 271 5.37 -20.38 7.87
N ASP A 272 6.64 -20.44 7.49
CA ASP A 272 7.04 -20.93 6.17
C ASP A 272 6.39 -22.23 5.74
N ALA A 273 6.47 -23.24 6.62
CA ALA A 273 5.83 -24.53 6.38
C ALA A 273 4.33 -24.33 6.08
N ASP A 274 3.64 -23.80 7.09
CA ASP A 274 2.18 -23.62 7.10
C ASP A 274 1.70 -22.94 5.84
N MET A 275 2.57 -22.16 5.23
CA MET A 275 2.23 -21.35 4.08
C MET A 275 1.95 -22.17 2.81
N LEU A 276 2.66 -23.28 2.66
CA LEU A 276 2.58 -24.10 1.45
C LEU A 276 2.06 -25.51 1.75
N THR A 277 1.32 -25.64 2.85
CA THR A 277 0.60 -26.87 3.15
C THR A 277 -0.19 -27.26 1.91
N GLY A 278 -0.16 -28.54 1.57
CA GLY A 278 -0.69 -29.01 0.29
C GLY A 278 0.51 -29.40 -0.56
N ASP A 279 0.24 -30.19 -1.61
CA ASP A 279 1.33 -30.67 -2.47
C ASP A 279 1.76 -29.56 -3.42
N GLU A 280 3.07 -29.36 -3.53
CA GLU A 280 3.64 -28.31 -4.38
C GLU A 280 3.02 -28.32 -5.76
N GLN A 281 2.82 -29.53 -6.30
CA GLN A 281 2.18 -29.70 -7.60
C GLN A 281 0.86 -28.96 -7.68
N VAL A 282 0.05 -29.11 -6.64
CA VAL A 282 -1.30 -28.55 -6.65
C VAL A 282 -1.28 -27.03 -6.76
N TRP A 283 -0.53 -26.37 -5.88
CA TRP A 283 -0.57 -24.90 -5.83
C TRP A 283 0.33 -24.17 -6.83
N LYS A 284 1.31 -24.86 -7.41
CA LYS A 284 2.17 -24.26 -8.42
C LYS A 284 1.30 -23.60 -9.47
N GLU A 285 0.27 -24.33 -9.89
CA GLU A 285 -0.71 -23.93 -10.89
C GLU A 285 -1.61 -22.81 -10.38
N VAL A 286 -1.67 -22.67 -9.06
CA VAL A 286 -2.42 -21.61 -8.40
C VAL A 286 -1.58 -20.31 -8.27
N GLN A 287 -0.34 -20.43 -7.81
CA GLN A 287 0.61 -19.31 -7.79
C GLN A 287 0.89 -18.81 -9.21
N GLU A 288 0.58 -19.65 -10.19
CA GLU A 288 0.64 -19.25 -11.60
C GLU A 288 -0.59 -18.43 -12.00
N SER A 289 -1.77 -18.90 -11.60
CA SER A 289 -3.02 -18.19 -11.89
C SER A 289 -3.14 -16.92 -11.07
N LEU A 290 -2.34 -16.82 -10.00
CA LEU A 290 -2.27 -15.62 -9.16
C LEU A 290 -1.59 -14.43 -9.83
N LYS A 291 -0.78 -14.69 -10.83
CA LYS A 291 -0.16 -13.62 -11.59
C LYS A 291 -1.16 -12.98 -12.56
N LYS A 292 -2.12 -13.76 -13.06
CA LYS A 292 -3.16 -13.15 -13.87
C LYS A 292 -4.08 -12.35 -12.96
N ILE A 293 -4.82 -13.05 -12.10
CA ILE A 293 -5.82 -12.40 -11.25
C ILE A 293 -5.36 -11.06 -10.65
N GLU A 294 -4.22 -11.07 -9.95
CA GLU A 294 -3.65 -9.87 -9.29
C GLU A 294 -3.56 -8.65 -10.20
N GLU A 295 -3.36 -8.91 -11.49
CA GLU A 295 -3.35 -7.86 -12.50
C GLU A 295 -4.75 -7.27 -12.62
N LEU A 296 -5.75 -8.12 -12.90
CA LEU A 296 -7.12 -7.66 -13.16
C LEU A 296 -7.80 -7.04 -11.93
N LYS A 297 -7.27 -7.32 -10.74
CA LYS A 297 -7.68 -6.66 -9.51
C LYS A 297 -7.31 -5.18 -9.56
N ALA A 298 -6.03 -4.91 -9.85
CA ALA A 298 -5.49 -3.56 -9.90
C ALA A 298 -6.17 -2.71 -10.97
N HIS A 299 -6.65 -3.38 -12.01
CA HIS A 299 -7.40 -2.76 -13.10
C HIS A 299 -8.90 -2.78 -12.83
N TRP A 300 -9.27 -2.95 -11.55
CA TRP A 300 -10.66 -2.88 -11.09
C TRP A 300 -11.61 -3.62 -12.02
N LYS A 301 -11.18 -4.79 -12.46
CA LYS A 301 -11.95 -5.58 -13.40
C LYS A 301 -12.38 -6.91 -12.75
N TRP A 302 -13.55 -6.87 -12.11
CA TRP A 302 -14.02 -7.95 -11.24
C TRP A 302 -14.62 -9.14 -11.95
N GLU A 303 -15.41 -8.89 -12.99
CA GLU A 303 -16.17 -9.96 -13.65
C GLU A 303 -15.34 -11.18 -14.07
N GLN A 304 -14.15 -10.93 -14.61
CA GLN A 304 -13.25 -12.02 -15.05
C GLN A 304 -12.49 -12.61 -13.86
N VAL A 305 -12.22 -11.78 -12.86
CA VAL A 305 -11.64 -12.27 -11.62
C VAL A 305 -12.55 -13.35 -11.05
N LEU A 306 -13.85 -13.07 -10.95
CA LEU A 306 -14.79 -14.02 -10.37
C LEU A 306 -14.93 -15.32 -11.16
N ALA A 307 -14.65 -15.28 -12.46
CA ALA A 307 -14.62 -16.51 -13.25
C ALA A 307 -13.38 -17.34 -12.89
N MET A 308 -12.23 -16.71 -12.92
CA MET A 308 -10.96 -17.39 -12.62
C MET A 308 -10.81 -17.83 -11.16
N CYS A 309 -11.57 -17.22 -10.27
CA CYS A 309 -11.55 -17.61 -8.86
C CYS A 309 -12.45 -18.81 -8.59
N GLN A 310 -13.74 -18.65 -8.94
CA GLN A 310 -14.73 -19.72 -8.77
C GLN A 310 -14.19 -21.04 -9.30
N ALA A 311 -14.02 -21.11 -10.62
CA ALA A 311 -13.42 -22.27 -11.30
C ALA A 311 -12.27 -22.95 -10.52
N ILE A 312 -11.36 -22.14 -9.97
CA ILE A 312 -10.14 -22.64 -9.34
C ILE A 312 -10.32 -23.06 -7.86
N ILE A 313 -11.21 -22.39 -7.14
CA ILE A 313 -11.56 -22.84 -5.78
C ILE A 313 -12.47 -24.06 -5.90
N SER A 314 -13.33 -24.04 -6.92
CA SER A 314 -14.20 -25.18 -7.24
C SER A 314 -13.38 -26.40 -7.59
N SER A 315 -12.22 -26.16 -8.20
CA SER A 315 -11.29 -27.20 -8.62
C SER A 315 -10.56 -27.83 -7.44
N ASN A 316 -9.90 -26.99 -6.65
CA ASN A 316 -8.99 -27.43 -5.61
C ASN A 316 -9.62 -27.66 -4.25
N SER A 317 -10.95 -27.70 -4.20
CA SER A 317 -11.66 -27.95 -2.96
C SER A 317 -11.16 -29.27 -2.37
N GLU A 318 -11.23 -30.32 -3.16
CA GLU A 318 -11.02 -31.70 -2.72
C GLU A 318 -9.60 -32.02 -2.25
N ARG A 319 -8.70 -31.02 -2.20
CA ARG A 319 -7.27 -31.32 -2.17
C ARG A 319 -6.33 -30.24 -1.64
N LEU A 320 -6.70 -28.97 -1.86
CA LEU A 320 -5.90 -27.82 -1.43
C LEU A 320 -6.62 -27.06 -0.31
N PRO A 321 -6.00 -26.98 0.88
CA PRO A 321 -6.63 -26.32 2.02
C PRO A 321 -6.49 -24.81 1.95
N ASP A 322 -7.46 -24.12 2.55
CA ASP A 322 -7.56 -22.67 2.50
C ASP A 322 -6.30 -21.94 2.94
N ILE A 323 -5.66 -22.48 4.00
CA ILE A 323 -4.49 -21.88 4.67
C ILE A 323 -3.26 -21.72 3.78
N ASN A 324 -3.26 -22.40 2.63
CA ASN A 324 -2.25 -22.19 1.60
C ASN A 324 -2.33 -20.77 1.05
N ILE A 325 -1.28 -20.00 1.32
CA ILE A 325 -1.25 -18.58 0.97
C ILE A 325 -1.76 -18.25 -0.44
N TYR A 326 -1.32 -19.00 -1.45
CA TYR A 326 -1.74 -18.76 -2.83
C TYR A 326 -3.19 -19.14 -3.09
N GLN A 327 -3.64 -20.14 -2.35
CA GLN A 327 -5.03 -20.54 -2.36
C GLN A 327 -5.82 -19.43 -1.68
N LEU A 328 -5.31 -19.02 -0.52
CA LEU A 328 -5.90 -17.95 0.25
C LEU A 328 -6.01 -16.67 -0.57
N LYS A 329 -4.92 -16.27 -1.21
CA LYS A 329 -4.92 -15.03 -2.00
C LYS A 329 -6.10 -14.99 -2.98
N VAL A 330 -6.36 -16.09 -3.67
CA VAL A 330 -7.54 -16.19 -4.55
C VAL A 330 -8.83 -16.03 -3.74
N LEU A 331 -8.82 -16.54 -2.52
CA LEU A 331 -9.95 -16.39 -1.61
C LEU A 331 -10.22 -14.93 -1.24
N ASP A 332 -9.18 -14.17 -0.89
CA ASP A 332 -9.36 -12.75 -0.63
C ASP A 332 -9.87 -12.05 -1.90
N CYS A 333 -9.21 -12.35 -3.02
CA CYS A 333 -9.63 -11.86 -4.34
C CYS A 333 -11.07 -12.23 -4.58
N ALA A 334 -11.40 -13.49 -4.29
CA ALA A 334 -12.76 -13.99 -4.43
C ALA A 334 -13.74 -13.11 -3.66
N MET A 335 -13.41 -12.89 -2.40
CA MET A 335 -14.22 -12.05 -1.54
C MET A 335 -14.34 -10.67 -2.15
N ASP A 336 -13.19 -10.04 -2.42
CA ASP A 336 -13.13 -8.68 -2.95
C ASP A 336 -13.91 -8.48 -4.24
N ALA A 337 -13.87 -9.48 -5.10
CA ALA A 337 -14.66 -9.45 -6.32
C ALA A 337 -16.15 -9.37 -5.99
N CYS A 338 -16.57 -10.20 -5.03
CA CYS A 338 -17.98 -10.32 -4.67
C CYS A 338 -18.55 -9.06 -4.02
N ILE A 339 -17.70 -8.30 -3.32
CA ILE A 339 -18.14 -7.11 -2.59
C ILE A 339 -18.48 -6.00 -3.56
N ASN A 340 -17.57 -5.72 -4.49
CA ASN A 340 -17.75 -4.69 -5.51
C ASN A 340 -18.82 -5.03 -6.53
N LEU A 341 -19.21 -6.29 -6.56
CA LEU A 341 -20.25 -6.77 -7.46
C LEU A 341 -21.59 -6.93 -6.74
N GLY A 342 -21.57 -6.88 -5.42
CA GLY A 342 -22.79 -6.96 -4.61
C GLY A 342 -23.39 -8.34 -4.38
N LEU A 343 -22.60 -9.38 -4.65
CA LEU A 343 -23.03 -10.75 -4.37
C LEU A 343 -22.75 -11.07 -2.90
N LEU A 344 -23.46 -10.40 -2.00
CA LEU A 344 -23.05 -10.39 -0.60
C LEU A 344 -23.29 -11.69 0.17
N GLU A 345 -24.04 -12.63 -0.40
CA GLU A 345 -24.16 -13.96 0.19
C GLU A 345 -22.89 -14.77 -0.12
N GLU A 346 -22.56 -14.82 -1.40
CA GLU A 346 -21.34 -15.45 -1.89
C GLU A 346 -20.16 -14.81 -1.17
N ALA A 347 -20.14 -13.48 -1.15
CA ALA A 347 -19.12 -12.69 -0.47
C ALA A 347 -18.80 -13.25 0.91
N LEU A 348 -19.83 -13.43 1.73
CA LEU A 348 -19.62 -13.95 3.09
C LEU A 348 -19.11 -15.38 3.09
N PHE A 349 -19.57 -16.19 2.14
CA PHE A 349 -19.08 -17.57 2.02
C PHE A 349 -17.55 -17.58 1.97
N TYR A 350 -17.00 -16.79 1.04
CA TYR A 350 -15.56 -16.71 0.83
C TYR A 350 -14.81 -16.04 1.99
N GLY A 351 -15.35 -14.94 2.48
CA GLY A 351 -14.68 -14.17 3.51
C GLY A 351 -14.49 -14.92 4.82
N THR A 352 -15.52 -15.65 5.23
CA THR A 352 -15.47 -16.36 6.50
C THR A 352 -14.37 -17.45 6.53
N ARG A 353 -14.13 -18.06 5.37
CA ARG A 353 -13.12 -19.12 5.19
C ARG A 353 -11.67 -18.64 5.34
N THR A 354 -11.47 -17.33 5.20
CA THR A 354 -10.14 -16.73 5.24
C THR A 354 -9.85 -16.26 6.64
N MET A 355 -10.93 -16.06 7.41
CA MET A 355 -10.80 -15.50 8.73
C MET A 355 -9.71 -16.12 9.57
N GLU A 356 -9.64 -17.46 9.60
CA GLU A 356 -8.71 -18.16 10.47
C GLU A 356 -7.24 -18.10 10.05
N PRO A 357 -6.93 -18.34 8.76
CA PRO A 357 -5.56 -18.12 8.33
C PRO A 357 -5.05 -16.77 8.85
N TYR A 358 -5.69 -15.70 8.38
CA TYR A 358 -5.34 -14.35 8.78
C TYR A 358 -4.88 -14.23 10.21
N ARG A 359 -5.55 -14.93 11.14
CA ARG A 359 -5.19 -14.82 12.55
C ARG A 359 -3.77 -15.29 12.84
N ILE A 360 -3.36 -16.37 12.17
CA ILE A 360 -2.03 -16.98 12.37
C ILE A 360 -0.95 -16.24 11.57
N PHE A 361 -1.35 -15.49 10.55
CA PHE A 361 -0.40 -14.83 9.65
C PHE A 361 -0.05 -13.37 10.00
N PHE A 362 -1.06 -12.61 10.42
CA PHE A 362 -0.90 -11.22 10.83
C PHE A 362 -0.93 -11.17 12.36
N PRO A 363 0.21 -10.86 12.99
CA PRO A 363 0.33 -10.95 14.46
C PRO A 363 -0.47 -9.85 15.17
N GLY A 364 -0.14 -9.60 16.44
CA GLY A 364 -0.84 -8.62 17.27
C GLY A 364 -1.97 -7.85 16.58
N SER A 365 -1.62 -6.70 16.04
CA SER A 365 -2.57 -5.87 15.33
C SER A 365 -2.00 -5.51 13.98
N HIS A 366 -2.65 -5.98 12.92
CA HIS A 366 -2.32 -5.57 11.55
C HIS A 366 -3.56 -4.98 10.88
N PRO A 367 -3.42 -3.79 10.28
CA PRO A 367 -4.52 -3.07 9.66
C PRO A 367 -5.13 -3.77 8.45
N VAL A 368 -4.40 -4.72 7.86
CA VAL A 368 -4.93 -5.52 6.77
C VAL A 368 -5.99 -6.46 7.32
N ARG A 369 -5.64 -7.17 8.39
CA ARG A 369 -6.59 -8.04 9.08
C ARG A 369 -7.78 -7.20 9.52
N GLY A 370 -7.49 -6.08 10.19
CA GLY A 370 -8.52 -5.15 10.65
C GLY A 370 -9.62 -5.00 9.63
N VAL A 371 -9.27 -4.42 8.49
CA VAL A 371 -10.22 -4.18 7.40
C VAL A 371 -10.91 -5.46 6.92
N GLN A 372 -10.14 -6.52 6.73
CA GLN A 372 -10.68 -7.82 6.34
C GLN A 372 -11.75 -8.26 7.34
N VAL A 373 -11.36 -8.31 8.61
CA VAL A 373 -12.26 -8.66 9.71
C VAL A 373 -13.50 -7.77 9.66
N MET A 374 -13.29 -6.47 9.48
CA MET A 374 -14.40 -5.54 9.34
C MET A 374 -15.34 -5.96 8.23
N LYS A 375 -14.79 -6.22 7.04
CA LYS A 375 -15.61 -6.66 5.89
C LYS A 375 -16.40 -7.93 6.19
N VAL A 376 -15.86 -8.75 7.10
CA VAL A 376 -16.54 -9.98 7.53
C VAL A 376 -17.75 -9.61 8.39
N GLY A 377 -17.50 -9.03 9.58
CA GLY A 377 -18.58 -8.60 10.48
C GLY A 377 -19.64 -7.79 9.75
N LYS A 378 -19.17 -6.84 8.94
CA LYS A 378 -20.04 -5.99 8.12
C LYS A 378 -20.85 -6.84 7.15
N LEU A 379 -20.26 -7.93 6.68
CA LEU A 379 -20.97 -8.83 5.79
C LEU A 379 -21.99 -9.65 6.53
N GLN A 380 -21.65 -9.98 7.77
CA GLN A 380 -22.51 -10.79 8.60
C GLN A 380 -23.74 -9.99 9.04
N LEU A 381 -23.51 -8.82 9.64
CA LEU A 381 -24.58 -7.92 10.07
C LEU A 381 -25.66 -7.77 8.99
N HIS A 382 -25.21 -7.52 7.76
CA HIS A 382 -26.08 -7.41 6.61
C HIS A 382 -26.93 -8.68 6.43
N GLN A 383 -26.29 -9.85 6.59
CA GLN A 383 -26.99 -11.12 6.42
C GLN A 383 -27.96 -11.43 7.56
N GLY A 384 -27.90 -10.62 8.61
CA GLY A 384 -28.77 -10.77 9.79
C GLY A 384 -28.27 -11.83 10.73
N MET A 385 -26.95 -11.95 10.84
CA MET A 385 -26.31 -12.93 11.70
C MET A 385 -25.70 -12.25 12.93
N PHE A 386 -26.56 -11.56 13.68
CA PHE A 386 -26.14 -10.56 14.67
C PHE A 386 -25.14 -11.02 15.77
N PRO A 387 -25.22 -12.28 16.24
CA PRO A 387 -24.34 -12.64 17.37
C PRO A 387 -22.86 -12.67 17.02
N GLN A 388 -22.50 -13.44 15.99
CA GLN A 388 -21.11 -13.57 15.59
C GLN A 388 -20.63 -12.33 14.82
N ALA A 389 -21.57 -11.56 14.29
CA ALA A 389 -21.24 -10.28 13.67
C ALA A 389 -20.68 -9.32 14.72
N MET A 390 -21.39 -9.21 15.86
CA MET A 390 -20.93 -8.37 16.98
C MET A 390 -19.58 -8.84 17.47
N LYS A 391 -19.33 -10.14 17.34
CA LYS A 391 -18.07 -10.78 17.68
C LYS A 391 -16.89 -10.24 16.86
N ASN A 392 -17.06 -10.27 15.53
CA ASN A 392 -16.04 -9.83 14.58
C ASN A 392 -15.84 -8.32 14.58
N LEU A 393 -16.95 -7.57 14.52
CA LEU A 393 -16.88 -6.11 14.57
C LEU A 393 -16.14 -5.67 15.83
N ARG A 394 -16.42 -6.33 16.96
CA ARG A 394 -15.68 -6.08 18.21
C ARG A 394 -14.20 -6.32 18.00
N LEU A 395 -13.88 -7.49 17.45
CA LEU A 395 -12.49 -7.87 17.15
C LEU A 395 -11.83 -6.84 16.26
N ALA A 396 -12.55 -6.40 15.24
CA ALA A 396 -12.06 -5.39 14.32
C ALA A 396 -11.59 -4.18 15.12
N PHE A 397 -12.46 -3.69 16.00
CA PHE A 397 -12.14 -2.53 16.82
C PHE A 397 -10.88 -2.72 17.69
N ASP A 398 -10.65 -3.95 18.16
CA ASP A 398 -9.51 -4.26 19.02
C ASP A 398 -8.21 -4.18 18.23
N ILE A 399 -8.30 -4.55 16.96
CA ILE A 399 -7.21 -4.39 16.00
C ILE A 399 -7.07 -2.92 15.59
N MET A 400 -8.16 -2.39 15.02
CA MET A 400 -8.13 -1.13 14.27
C MET A 400 -7.84 0.16 15.03
N ARG A 401 -8.28 0.26 16.28
CA ARG A 401 -7.97 1.47 17.04
C ARG A 401 -6.47 1.57 17.39
N VAL A 402 -5.76 0.47 17.19
CA VAL A 402 -4.31 0.43 17.34
C VAL A 402 -3.61 0.55 15.98
N THR A 403 -4.28 0.09 14.92
CA THR A 403 -3.72 0.22 13.58
C THR A 403 -4.04 1.56 12.94
N HIS A 404 -5.32 1.94 12.96
CA HIS A 404 -5.77 3.18 12.31
C HIS A 404 -5.80 4.37 13.27
N GLY A 405 -6.35 4.13 14.48
CA GLY A 405 -6.46 5.16 15.50
C GLY A 405 -7.71 6.02 15.36
N ARG A 406 -7.90 6.93 16.31
CA ARG A 406 -9.07 7.82 16.30
C ARG A 406 -9.08 8.77 15.10
N GLU A 407 -7.88 9.14 14.63
CA GLU A 407 -7.71 10.08 13.50
C GLU A 407 -8.22 9.53 12.17
N HIS A 408 -8.47 8.23 12.13
CA HIS A 408 -9.06 7.59 10.96
C HIS A 408 -10.58 7.59 11.04
N SER A 409 -11.19 8.05 9.95
CA SER A 409 -12.64 8.15 9.81
C SER A 409 -13.31 6.79 9.64
N LEU A 410 -12.50 5.76 9.37
CA LEU A 410 -13.00 4.40 9.20
C LEU A 410 -13.53 3.86 10.52
N ILE A 411 -12.81 4.20 11.59
CA ILE A 411 -13.21 3.91 12.96
C ILE A 411 -14.66 4.34 13.23
N GLU A 412 -15.00 5.53 12.73
CA GLU A 412 -16.34 6.10 12.82
C GLU A 412 -17.39 5.09 12.37
N ASP A 413 -17.23 4.61 11.13
CA ASP A 413 -18.12 3.60 10.58
C ASP A 413 -18.19 2.40 11.51
N LEU A 414 -17.03 1.99 12.03
CA LEU A 414 -16.93 0.79 12.83
C LEU A 414 -17.83 0.86 14.05
N ILE A 415 -17.67 1.91 14.85
CA ILE A 415 -18.45 2.07 16.08
C ILE A 415 -19.96 2.14 15.78
N LEU A 416 -20.33 2.91 14.76
CA LEU A 416 -21.72 3.00 14.28
C LEU A 416 -22.41 1.65 14.12
N LEU A 417 -21.68 0.72 13.49
CA LEU A 417 -22.17 -0.63 13.27
C LEU A 417 -22.34 -1.35 14.59
N LEU A 418 -21.36 -1.19 15.47
CA LEU A 418 -21.38 -1.82 16.79
C LEU A 418 -22.59 -1.39 17.59
N GLU A 419 -22.94 -0.11 17.47
CA GLU A 419 -24.12 0.44 18.10
C GLU A 419 -25.38 0.13 17.28
N GLU A 420 -25.19 -0.26 16.01
CA GLU A 420 -26.32 -0.67 15.18
C GLU A 420 -26.53 -2.18 15.21
N CYS A 421 -25.48 -2.91 15.58
CA CYS A 421 -25.58 -4.35 15.79
C CYS A 421 -26.22 -4.57 17.15
N ASP A 422 -26.07 -3.58 18.02
CA ASP A 422 -26.71 -3.55 19.33
C ASP A 422 -28.22 -3.46 19.14
N ALA A 423 -28.61 -2.67 18.13
CA ALA A 423 -30.02 -2.40 17.79
C ALA A 423 -30.74 -3.59 17.15
N ASN A 424 -29.98 -4.55 16.63
CA ASN A 424 -30.58 -5.73 16.04
C ASN A 424 -30.59 -6.96 16.95
N ILE A 425 -29.91 -6.86 18.10
CA ILE A 425 -30.16 -7.79 19.20
C ILE A 425 -31.04 -7.10 20.24
N ARG A 426 -31.68 -6.02 19.78
CA ARG A 426 -32.66 -5.20 20.53
C ARG A 426 -33.12 -5.82 21.85
ZN ZN B . 13.55 -11.11 7.59
ZN ZN C . -10.88 14.14 -5.32
ZN ZN D . -5.78 18.18 -17.75
N SAH E . 18.48 3.59 6.29
CA SAH E . 17.45 3.75 5.21
CB SAH E . 16.04 3.71 5.82
CG SAH E . 15.02 2.87 5.03
SD SAH E . 15.12 3.02 3.28
C SAH E . 17.66 5.04 4.47
O SAH E . 16.71 5.63 3.93
OXT SAH E . 18.78 5.56 4.40
C5' SAH E . 15.52 1.34 2.86
C4' SAH E . 17.01 1.08 2.62
O4' SAH E . 17.73 0.84 3.84
C3' SAH E . 17.24 -0.17 1.78
O3' SAH E . 17.39 0.18 0.39
C2' SAH E . 18.45 -0.84 2.39
O2' SAH E . 19.65 -0.30 1.83
C1' SAH E . 18.41 -0.42 3.84
N9 SAH E . 17.64 -1.38 4.71
C8 SAH E . 16.35 -1.22 5.09
N7 SAH E . 15.93 -2.24 5.90
C5 SAH E . 16.97 -3.07 6.07
C6 SAH E . 17.21 -4.34 6.81
N6 SAH E . 16.22 -4.92 7.54
N1 SAH E . 18.43 -4.89 6.74
C2 SAH E . 19.43 -4.32 6.01
N3 SAH E . 19.29 -3.18 5.32
C4 SAH E . 18.10 -2.50 5.29
#